data_2QNG
#
_entry.id   2QNG
#
_cell.length_a   43.231
_cell.length_b   40.701
_cell.length_c   49.436
_cell.angle_alpha   90.00
_cell.angle_beta   96.66
_cell.angle_gamma   90.00
#
_symmetry.space_group_name_H-M   'P 1 21 1'
#
loop_
_entity.id
_entity.type
_entity.pdbx_description
1 polymer 'Uncharacterized protein SAV2460'
2 non-polymer 'CALCIUM ION'
3 water water
#
_entity_poly.entity_id   1
_entity_poly.type   'polypeptide(L)'
_entity_poly.pdbx_seq_one_letter_code
;(MSE)GSSHHHHHHSSGRENLYFQGH(MSE)NGLNKGIRKVELAVKWDPSPPGDPATDLDIVAATFLAGDAYGKPAYVVH
FDSRSPDGTIYLNRDSKDGKGFGWDEV(MSE)TLELNRLDSRYARVVVGVVIQQRDAHRTFVGVLNPGLR(MSE)REGYT
VLAEDDFGGVLGSTAATVGEFVRDDSGEWTFHPGIHGYDSDPATFARV(MSE)GGRQDS
;
_entity_poly.pdbx_strand_id   A
#
# COMPACT_ATOMS: atom_id res chain seq x y z
N LYS A 28 -15.46 -9.36 -4.26
CA LYS A 28 -14.64 -10.30 -3.44
C LYS A 28 -15.28 -10.56 -2.08
N GLY A 29 -15.97 -9.55 -1.54
CA GLY A 29 -16.52 -9.62 -0.18
C GLY A 29 -15.48 -9.39 0.91
N ILE A 30 -14.44 -8.66 0.56
CA ILE A 30 -13.30 -8.42 1.46
CA ILE A 30 -13.34 -8.47 1.51
C ILE A 30 -13.73 -7.48 2.60
N ARG A 31 -13.43 -7.83 3.85
CA ARG A 31 -13.82 -7.00 5.01
C ARG A 31 -12.64 -6.30 5.72
N LYS A 32 -11.50 -6.98 5.79
CA LYS A 32 -10.34 -6.47 6.51
C LYS A 32 -9.12 -7.06 5.85
N VAL A 33 -8.12 -6.22 5.61
CA VAL A 33 -6.90 -6.61 4.89
C VAL A 33 -5.69 -6.24 5.73
N GLU A 34 -4.69 -7.10 5.69
CA GLU A 34 -3.39 -6.77 6.25
C GLU A 34 -2.41 -6.79 5.09
N LEU A 35 -1.64 -5.71 4.93
CA LEU A 35 -0.56 -5.70 3.96
C LEU A 35 0.76 -5.70 4.74
N ALA A 36 1.62 -6.69 4.49
CA ALA A 36 2.91 -6.75 5.20
C ALA A 36 4.05 -6.69 4.19
N VAL A 37 5.14 -6.02 4.56
CA VAL A 37 6.29 -5.85 3.67
C VAL A 37 7.55 -6.16 4.47
N LYS A 38 8.49 -6.84 3.81
CA LYS A 38 9.77 -7.19 4.42
CA LYS A 38 9.77 -7.11 4.43
C LYS A 38 10.90 -6.89 3.46
N TRP A 39 12.08 -6.67 4.03
CA TRP A 39 13.31 -6.54 3.27
C TRP A 39 14.48 -6.73 4.22
N ASP A 40 15.66 -6.87 3.64
CA ASP A 40 16.90 -7.01 4.41
C ASP A 40 17.66 -5.68 4.35
N PRO A 41 18.43 -5.36 5.40
CA PRO A 41 19.10 -4.06 5.43
C PRO A 41 20.20 -3.90 4.39
N SER A 42 20.51 -2.63 4.10
CA SER A 42 21.70 -2.30 3.33
C SER A 42 22.93 -2.79 4.07
N PRO A 43 24.03 -3.00 3.34
CA PRO A 43 25.31 -3.30 4.00
C PRO A 43 25.71 -2.21 4.99
N PRO A 44 26.41 -2.56 6.08
CA PRO A 44 26.84 -1.56 7.04
C PRO A 44 27.60 -0.46 6.33
N GLY A 45 27.32 0.78 6.70
CA GLY A 45 28.02 1.91 6.11
C GLY A 45 27.43 2.46 4.82
N ASP A 46 26.51 1.70 4.19
CA ASP A 46 25.74 2.20 3.05
C ASP A 46 24.50 2.90 3.57
N PRO A 47 23.89 3.78 2.75
CA PRO A 47 22.65 4.42 3.16
C PRO A 47 21.58 3.36 3.46
N ALA A 48 20.80 3.61 4.49
CA ALA A 48 19.78 2.63 4.91
C ALA A 48 18.73 2.43 3.84
N THR A 49 18.21 1.20 3.75
CA THR A 49 17.09 0.91 2.87
C THR A 49 15.81 1.06 3.68
N ASP A 50 14.90 1.94 3.24
CA ASP A 50 13.68 2.22 4.01
C ASP A 50 12.52 2.16 3.02
N LEU A 51 11.68 1.15 3.18
CA LEU A 51 10.44 1.03 2.43
C LEU A 51 9.30 1.50 3.33
N ASP A 52 8.32 2.17 2.74
CA ASP A 52 7.14 2.57 3.51
C ASP A 52 5.88 2.10 2.79
N ILE A 53 4.94 1.56 3.57
CA ILE A 53 3.61 1.24 3.05
C ILE A 53 2.77 2.52 3.08
N VAL A 54 2.03 2.73 2.00
CA VAL A 54 1.11 3.87 1.95
CA VAL A 54 1.16 3.89 1.83
C VAL A 54 -0.22 3.41 1.35
N ALA A 55 -1.30 3.97 1.92
CA ALA A 55 -2.64 3.70 1.39
C ALA A 55 -3.31 5.01 1.05
N ALA A 56 -4.17 4.98 0.03
CA ALA A 56 -4.94 6.15 -0.35
C ALA A 56 -6.38 5.75 -0.54
N THR A 57 -7.30 6.60 -0.06
CA THR A 57 -8.74 6.38 -0.27
C THR A 57 -9.23 7.35 -1.33
N PHE A 58 -10.28 6.93 -2.04
CA PHE A 58 -10.87 7.74 -3.12
C PHE A 58 -12.39 7.77 -3.03
N LEU A 59 -12.95 8.91 -3.39
CA LEU A 59 -14.37 9.14 -3.23
C LEU A 59 -15.15 8.52 -4.37
N ALA A 60 -16.37 8.10 -4.10
N ALA A 60 -16.33 8.02 -4.04
CA ALA A 60 -17.25 7.55 -5.13
CA ALA A 60 -17.33 7.63 -5.01
C ALA A 60 -17.35 8.43 -6.40
C ALA A 60 -17.65 8.89 -5.83
N GLY A 61 -17.36 9.74 -6.23
N GLY A 61 -17.45 8.80 -7.14
CA GLY A 61 -17.52 10.65 -7.37
CA GLY A 61 -17.58 9.95 -8.04
C GLY A 61 -16.25 11.02 -8.12
C GLY A 61 -16.25 10.39 -8.65
N ASP A 62 -15.17 10.27 -7.88
CA ASP A 62 -13.82 10.56 -8.39
C ASP A 62 -12.87 9.44 -7.96
N ALA A 63 -13.19 8.21 -8.36
CA ALA A 63 -12.48 7.02 -7.86
C ALA A 63 -11.03 6.87 -8.31
N TYR A 64 -10.65 7.57 -9.38
CA TYR A 64 -9.29 7.45 -9.93
C TYR A 64 -8.56 8.78 -9.90
N GLY A 65 -9.09 9.69 -9.07
CA GLY A 65 -8.61 11.08 -9.02
C GLY A 65 -7.84 11.46 -7.78
N LYS A 66 -8.21 12.61 -7.19
CA LYS A 66 -7.45 13.14 -6.03
C LYS A 66 -7.72 12.29 -4.79
N PRO A 67 -6.65 11.79 -4.13
CA PRO A 67 -6.90 11.03 -2.91
C PRO A 67 -7.72 11.84 -1.90
N ALA A 68 -8.71 11.20 -1.25
CA ALA A 68 -9.40 11.87 -0.15
C ALA A 68 -8.46 12.06 1.01
N TYR A 69 -7.67 11.02 1.30
CA TYR A 69 -6.58 11.11 2.27
C TYR A 69 -5.63 9.96 2.01
N VAL A 70 -4.44 10.12 2.57
CA VAL A 70 -3.45 9.05 2.54
C VAL A 70 -2.99 8.71 3.95
N VAL A 71 -2.59 7.43 4.10
CA VAL A 71 -2.11 6.90 5.39
C VAL A 71 -0.73 6.32 5.17
N HIS A 72 0.20 6.74 6.03
CA HIS A 72 1.56 6.21 6.05
C HIS A 72 2.14 6.59 7.40
N PHE A 73 3.42 6.28 7.59
CA PHE A 73 3.99 6.39 8.95
C PHE A 73 3.89 7.82 9.53
N ASP A 74 3.77 8.81 8.67
CA ASP A 74 3.64 10.19 9.16
C ASP A 74 2.28 10.82 8.90
N SER A 75 1.26 9.99 8.64
CA SER A 75 -0.05 10.50 8.30
C SER A 75 -1.11 9.49 8.75
N ARG A 76 -1.71 9.69 9.93
CA ARG A 76 -2.81 8.84 10.42
C ARG A 76 -4.09 9.04 9.65
N SER A 77 -4.88 7.95 9.57
CA SER A 77 -6.22 8.06 9.00
C SER A 77 -7.06 9.02 9.85
N PRO A 78 -7.96 9.80 9.22
CA PRO A 78 -8.82 10.67 10.04
C PRO A 78 -9.89 9.89 10.79
N ASP A 79 -10.16 8.67 10.33
CA ASP A 79 -11.29 7.86 10.80
C ASP A 79 -10.85 6.58 11.54
N GLY A 80 -9.52 6.33 11.68
CA GLY A 80 -8.98 5.15 12.39
C GLY A 80 -9.21 3.77 11.76
N THR A 81 -9.68 3.77 10.52
CA THR A 81 -10.05 2.52 9.88
C THR A 81 -8.90 1.91 9.10
N ILE A 82 -7.88 2.70 8.78
CA ILE A 82 -6.69 2.22 8.05
C ILE A 82 -5.54 2.70 8.90
N TYR A 83 -4.64 1.79 9.27
CA TYR A 83 -3.60 2.15 10.22
C TYR A 83 -2.35 1.31 10.06
N LEU A 84 -1.21 1.95 10.26
CA LEU A 84 0.05 1.27 10.22
C LEU A 84 0.25 0.60 11.58
N ASN A 85 0.51 -0.70 11.57
CA ASN A 85 0.71 -1.45 12.83
C ASN A 85 2.15 -1.34 13.31
N ARG A 86 3.07 -1.32 12.36
CA ARG A 86 4.46 -1.19 12.71
C ARG A 86 5.23 -0.77 11.48
N ASP A 87 6.37 -0.11 11.73
CA ASP A 87 7.22 0.36 10.65
C ASP A 87 8.65 -0.08 10.86
N SER A 88 9.47 0.18 9.83
CA SER A 88 10.92 0.02 9.96
C SER A 88 11.56 1.02 9.04
N LYS A 89 12.64 1.65 9.50
CA LYS A 89 13.39 2.58 8.66
C LYS A 89 14.64 1.98 8.08
N ASP A 90 14.87 0.68 8.33
CA ASP A 90 16.12 0.07 7.87
C ASP A 90 16.02 -1.40 7.51
N GLY A 91 14.86 -2.02 7.75
CA GLY A 91 14.73 -3.42 7.43
C GLY A 91 15.37 -4.37 8.43
N LYS A 92 16.01 -3.83 9.47
CA LYS A 92 16.67 -4.70 10.46
C LYS A 92 15.63 -5.45 11.27
N GLY A 93 15.68 -6.78 11.21
CA GLY A 93 14.66 -7.57 11.88
C GLY A 93 14.13 -8.65 10.97
N PHE A 94 13.99 -9.85 11.51
CA PHE A 94 13.50 -11.00 10.79
C PHE A 94 11.97 -10.91 10.66
N GLY A 95 11.42 -11.48 9.61
CA GLY A 95 9.96 -11.46 9.47
C GLY A 95 9.47 -10.15 8.88
N TRP A 96 8.20 -9.83 9.13
CA TRP A 96 7.60 -8.66 8.48
C TRP A 96 8.08 -7.38 9.15
N ASP A 97 8.61 -6.45 8.35
CA ASP A 97 9.16 -5.21 8.87
C ASP A 97 8.15 -4.10 9.01
N GLU A 98 7.15 -4.08 8.13
N GLU A 98 7.20 -4.05 8.06
CA GLU A 98 6.14 -3.02 8.18
CA GLU A 98 6.11 -3.06 8.07
C GLU A 98 4.82 -3.64 7.79
C GLU A 98 4.81 -3.79 7.88
N VAL A 99 3.77 -3.32 8.56
CA VAL A 99 2.47 -3.95 8.42
C VAL A 99 1.41 -2.87 8.53
N THR A 101 -2.97 -2.29 8.38
CA THR A 101 -4.30 -2.88 8.42
C THR A 101 -5.32 -1.94 7.79
N LEU A 102 -6.19 -2.51 6.92
CA LEU A 102 -7.26 -1.73 6.30
C LEU A 102 -8.60 -2.37 6.64
N GLU A 103 -9.33 -1.72 7.52
CA GLU A 103 -10.66 -2.20 7.93
C GLU A 103 -11.68 -1.72 6.92
N LEU A 104 -11.64 -2.34 5.74
CA LEU A 104 -12.43 -1.85 4.62
C LEU A 104 -13.93 -1.84 4.91
N ASN A 105 -14.40 -2.85 5.63
CA ASN A 105 -15.83 -2.91 6.00
C ASN A 105 -16.30 -1.64 6.70
N ARG A 106 -15.41 -1.05 7.52
CA ARG A 106 -15.76 0.12 8.30
C ARG A 106 -15.70 1.45 7.55
N LEU A 107 -15.12 1.45 6.34
CA LEU A 107 -15.07 2.70 5.58
C LEU A 107 -16.46 3.20 5.20
N ASP A 108 -16.66 4.50 5.41
N ASP A 108 -16.68 4.50 5.39
CA ASP A 108 -17.91 5.14 5.07
CA ASP A 108 -17.97 5.12 5.04
C ASP A 108 -18.18 4.94 3.57
C ASP A 108 -18.29 4.89 3.57
N SER A 109 -19.44 4.82 3.19
N SER A 109 -19.58 4.96 3.23
CA SER A 109 -19.79 4.53 1.80
CA SER A 109 -20.04 4.65 1.87
C SER A 109 -19.28 5.55 0.79
C SER A 109 -19.56 5.64 0.81
N ARG A 110 -19.04 6.79 1.24
CA ARG A 110 -18.47 7.83 0.38
CA ARG A 110 -18.52 7.78 0.31
C ARG A 110 -17.16 7.39 -0.29
N TYR A 111 -16.47 6.43 0.33
CA TYR A 111 -15.21 5.90 -0.22
C TYR A 111 -15.50 4.68 -1.05
N ALA A 112 -15.10 4.69 -2.31
CA ALA A 112 -15.39 3.61 -3.21
C ALA A 112 -14.18 2.83 -3.66
N ARG A 113 -12.99 3.35 -3.36
CA ARG A 113 -11.78 2.71 -3.85
C ARG A 113 -10.64 3.02 -2.90
N VAL A 114 -9.79 2.01 -2.71
CA VAL A 114 -8.58 2.15 -1.90
C VAL A 114 -7.42 1.55 -2.70
N VAL A 115 -6.31 2.28 -2.74
CA VAL A 115 -5.10 1.80 -3.39
C VAL A 115 -4.01 1.68 -2.34
N VAL A 116 -3.28 0.57 -2.37
CA VAL A 116 -2.14 0.39 -1.49
C VAL A 116 -0.85 0.37 -2.29
N GLY A 117 0.23 0.83 -1.68
CA GLY A 117 1.52 0.88 -2.39
C GLY A 117 2.68 0.82 -1.43
N VAL A 118 3.87 0.73 -2.03
CA VAL A 118 5.11 0.65 -1.29
C VAL A 118 6.06 1.62 -1.97
N VAL A 119 6.62 2.54 -1.18
CA VAL A 119 7.64 3.45 -1.68
C VAL A 119 9.00 3.11 -1.10
N ILE A 120 10.06 3.34 -1.88
CA ILE A 120 11.39 3.26 -1.37
C ILE A 120 11.85 4.69 -1.13
N GLN A 121 12.27 4.98 0.09
CA GLN A 121 12.78 6.34 0.37
C GLN A 121 14.02 6.61 -0.48
N GLN A 122 14.12 7.83 -1.01
CA GLN A 122 15.15 8.21 -1.99
C GLN A 122 16.11 9.27 -1.49
N ARG A 123 15.80 9.91 -0.36
CA ARG A 123 16.58 11.06 0.08
C ARG A 123 18.08 10.77 0.20
N ASP A 124 18.43 9.60 0.73
CA ASP A 124 19.84 9.23 0.96
C ASP A 124 20.57 8.63 -0.25
N ALA A 125 19.84 8.12 -1.22
CA ALA A 125 20.42 7.43 -2.38
C ALA A 125 19.30 7.05 -3.31
N HIS A 126 19.52 7.17 -4.60
CA HIS A 126 18.62 6.63 -5.60
C HIS A 126 18.63 5.11 -5.43
N ARG A 127 17.45 4.53 -5.24
CA ARG A 127 17.35 3.09 -4.99
C ARG A 127 16.07 2.60 -5.59
N THR A 128 16.19 1.56 -6.43
CA THR A 128 15.02 0.92 -7.00
C THR A 128 14.84 -0.46 -6.40
N PHE A 129 13.75 -1.17 -6.76
CA PHE A 129 13.54 -2.47 -6.10
C PHE A 129 14.67 -3.48 -6.28
N VAL A 130 15.42 -3.41 -7.40
CA VAL A 130 16.54 -4.34 -7.56
C VAL A 130 17.65 -4.03 -6.54
N GLY A 131 17.69 -2.78 -6.07
CA GLY A 131 18.66 -2.32 -5.06
C GLY A 131 18.20 -2.55 -3.62
N VAL A 132 17.04 -3.18 -3.44
CA VAL A 132 16.56 -3.58 -2.14
C VAL A 132 16.87 -5.08 -2.00
N LEU A 133 17.46 -5.47 -0.87
CA LEU A 133 17.78 -6.88 -0.66
C LEU A 133 16.57 -7.67 -0.18
N ASN A 134 16.19 -8.66 -0.98
CA ASN A 134 15.11 -9.58 -0.68
C ASN A 134 13.81 -8.95 -0.22
N PRO A 135 13.26 -8.03 -1.04
CA PRO A 135 11.96 -7.42 -0.68
C PRO A 135 10.83 -8.43 -0.89
N GLY A 136 9.80 -8.28 -0.09
CA GLY A 136 8.64 -9.17 -0.22
C GLY A 136 7.42 -8.49 0.34
N LEU A 137 6.27 -8.91 -0.18
CA LEU A 137 5.00 -8.46 0.38
C LEU A 137 4.03 -9.61 0.49
N ARG A 138 3.09 -9.47 1.42
CA ARG A 138 1.97 -10.40 1.57
C ARG A 138 0.74 -9.60 1.92
N ARG A 140 -3.29 -10.27 3.13
CA ARG A 140 -4.27 -11.27 3.50
CA ARG A 140 -4.17 -11.29 3.73
C ARG A 140 -5.51 -10.68 4.12
N GLU A 141 -6.56 -11.50 4.08
CA GLU A 141 -7.80 -11.20 4.77
C GLU A 141 -7.95 -12.25 5.84
N GLY A 142 -7.89 -11.86 7.11
CA GLY A 142 -7.81 -12.85 8.17
C GLY A 142 -6.58 -13.70 7.92
N TYR A 143 -6.80 -15.01 7.76
CA TYR A 143 -5.71 -15.93 7.50
C TYR A 143 -5.62 -16.30 6.02
N THR A 144 -6.48 -15.73 5.19
CA THR A 144 -6.49 -16.04 3.76
C THR A 144 -5.49 -15.16 3.00
N VAL A 145 -4.46 -15.77 2.43
CA VAL A 145 -3.50 -15.00 1.65
C VAL A 145 -4.14 -14.63 0.31
N LEU A 146 -4.14 -13.33 0.03
CA LEU A 146 -4.69 -12.76 -1.21
C LEU A 146 -3.63 -12.56 -2.28
N ALA A 147 -2.42 -12.21 -1.86
CA ALA A 147 -1.34 -11.90 -2.81
C ALA A 147 0.00 -12.00 -2.11
N GLU A 148 1.02 -12.42 -2.83
CA GLU A 148 2.40 -12.36 -2.38
C GLU A 148 3.25 -11.95 -3.56
N ASP A 149 4.31 -11.20 -3.32
CA ASP A 149 5.14 -10.76 -4.45
C ASP A 149 6.54 -10.46 -3.95
N ASP A 150 7.51 -10.55 -4.86
CA ASP A 150 8.90 -10.20 -4.55
C ASP A 150 9.35 -8.94 -5.30
N PHE A 151 8.40 -8.20 -5.89
CA PHE A 151 8.70 -6.96 -6.64
C PHE A 151 9.53 -7.23 -7.91
N GLY A 152 9.57 -8.49 -8.34
CA GLY A 152 10.43 -8.88 -9.47
C GLY A 152 9.94 -8.32 -10.81
N GLY A 153 8.71 -7.80 -10.85
CA GLY A 153 8.16 -7.18 -12.04
C GLY A 153 8.37 -5.68 -12.12
N VAL A 154 8.90 -5.09 -11.04
CA VAL A 154 9.10 -3.64 -10.97
C VAL A 154 10.53 -3.32 -10.49
N LEU A 155 11.52 -4.08 -10.97
CA LEU A 155 12.87 -3.96 -10.42
C LEU A 155 13.53 -2.59 -10.64
N GLY A 156 13.12 -1.87 -11.68
CA GLY A 156 13.67 -0.57 -11.96
C GLY A 156 12.89 0.58 -11.34
N SER A 157 11.85 0.28 -10.55
CA SER A 157 11.00 1.34 -10.00
C SER A 157 11.42 1.77 -8.60
N THR A 158 11.05 3.00 -8.23
CA THR A 158 11.30 3.54 -6.89
C THR A 158 10.06 3.43 -5.98
N ALA A 159 8.93 3.06 -6.55
CA ALA A 159 7.68 2.89 -5.81
C ALA A 159 6.78 1.99 -6.64
N ALA A 160 5.77 1.39 -6.01
CA ALA A 160 4.82 0.58 -6.78
C ALA A 160 3.48 0.58 -6.08
N THR A 161 2.39 0.66 -6.83
CA THR A 161 1.12 0.26 -6.23
C THR A 161 1.07 -1.27 -6.27
N VAL A 162 0.47 -1.86 -5.23
CA VAL A 162 0.54 -3.30 -5.05
C VAL A 162 -0.82 -3.93 -4.92
N GLY A 163 -1.86 -3.15 -5.16
CA GLY A 163 -3.22 -3.70 -5.02
C GLY A 163 -4.23 -2.59 -4.94
N GLU A 164 -5.45 -2.94 -5.30
CA GLU A 164 -6.57 -2.04 -5.42
CA GLU A 164 -6.54 -1.99 -5.21
C GLU A 164 -7.78 -2.74 -4.81
N PHE A 165 -8.67 -2.00 -4.13
CA PHE A 165 -9.95 -2.54 -3.64
C PHE A 165 -11.02 -1.59 -4.10
N VAL A 166 -12.09 -2.13 -4.68
CA VAL A 166 -13.19 -1.33 -5.22
C VAL A 166 -14.50 -1.86 -4.64
N ARG A 167 -15.36 -0.94 -4.20
CA ARG A 167 -16.64 -1.32 -3.59
CA ARG A 167 -16.66 -1.31 -3.59
C ARG A 167 -17.76 -0.99 -4.57
N ASP A 168 -18.61 -1.99 -4.82
CA ASP A 168 -19.73 -1.87 -5.75
C ASP A 168 -20.99 -1.43 -5.03
N ASP A 169 -22.09 -1.32 -5.78
CA ASP A 169 -23.36 -0.88 -5.22
CA ASP A 169 -23.38 -0.91 -5.25
C ASP A 169 -23.91 -1.87 -4.19
N SER A 170 -23.46 -3.12 -4.24
CA SER A 170 -23.87 -4.15 -3.27
C SER A 170 -23.20 -3.95 -1.92
N GLY A 171 -22.17 -3.09 -1.88
CA GLY A 171 -21.42 -2.83 -0.65
C GLY A 171 -20.22 -3.74 -0.45
N GLU A 172 -19.97 -4.62 -1.42
CA GLU A 172 -18.89 -5.56 -1.22
CA GLU A 172 -18.91 -5.62 -1.31
C GLU A 172 -17.61 -5.06 -1.85
N TRP A 173 -16.51 -5.25 -1.11
CA TRP A 173 -15.20 -4.88 -1.63
C TRP A 173 -14.62 -6.02 -2.47
N THR A 174 -14.14 -5.67 -3.67
CA THR A 174 -13.41 -6.59 -4.54
C THR A 174 -11.94 -6.19 -4.58
N PHE A 175 -11.06 -7.19 -4.49
CA PHE A 175 -9.62 -7.00 -4.65
C PHE A 175 -9.22 -7.22 -6.10
N HIS A 176 -8.47 -6.25 -6.63
CA HIS A 176 -7.94 -6.30 -7.99
C HIS A 176 -6.42 -6.39 -7.87
N PRO A 177 -5.86 -7.60 -8.06
CA PRO A 177 -4.41 -7.74 -8.01
C PRO A 177 -3.69 -7.01 -9.12
N GLY A 178 -2.47 -6.62 -8.84
CA GLY A 178 -1.65 -6.02 -9.87
C GLY A 178 -0.61 -5.16 -9.19
N ILE A 179 0.63 -5.31 -9.63
CA ILE A 179 1.73 -4.50 -9.14
C ILE A 179 2.14 -3.59 -10.30
N HIS A 180 2.20 -2.28 -10.04
CA HIS A 180 2.50 -1.29 -11.09
C HIS A 180 3.58 -0.38 -10.60
N GLY A 181 4.65 -0.31 -11.38
CA GLY A 181 5.82 0.47 -11.00
C GLY A 181 5.75 1.94 -11.35
N TYR A 182 6.34 2.74 -10.49
CA TYR A 182 6.45 4.20 -10.65
C TYR A 182 7.90 4.62 -10.47
N ASP A 183 8.26 5.74 -11.08
CA ASP A 183 9.63 6.27 -11.03
C ASP A 183 9.74 7.45 -10.06
N SER A 184 8.72 7.66 -9.25
CA SER A 184 8.60 8.86 -8.42
C SER A 184 9.08 8.69 -6.99
N ASP A 185 9.30 9.83 -6.34
CA ASP A 185 9.69 9.86 -4.93
C ASP A 185 8.43 9.70 -4.05
N PRO A 186 8.60 9.51 -2.75
CA PRO A 186 7.42 9.24 -1.92
C PRO A 186 6.32 10.29 -1.94
N ALA A 187 6.70 11.57 -1.88
CA ALA A 187 5.68 12.63 -1.85
C ALA A 187 4.88 12.71 -3.14
N THR A 188 5.55 12.54 -4.26
CA THR A 188 4.88 12.58 -5.54
C THR A 188 3.98 11.34 -5.71
N PHE A 189 4.53 10.17 -5.37
CA PHE A 189 3.78 8.93 -5.47
C PHE A 189 2.45 9.03 -4.72
N ALA A 190 2.48 9.58 -3.51
CA ALA A 190 1.26 9.67 -2.71
C ALA A 190 0.17 10.47 -3.39
N ARG A 191 0.55 11.39 -4.28
CA ARG A 191 -0.44 12.23 -4.95
C ARG A 191 -0.99 11.58 -6.20
N VAL A 192 -0.20 10.71 -6.83
CA VAL A 192 -0.54 10.16 -8.15
C VAL A 192 -0.91 8.69 -8.14
N GLY A 194 -3.38 6.99 -7.31
CA GLY A 194 -4.73 6.60 -7.69
C GLY A 194 -5.01 6.49 -9.17
N GLY A 195 -4.03 6.84 -10.02
CA GLY A 195 -4.28 6.84 -11.48
C GLY A 195 -4.72 5.48 -12.02
N ARG A 196 -5.67 5.50 -12.96
CA ARG A 196 -6.24 4.27 -13.52
C ARG A 196 -5.20 3.48 -14.29
N GLN A 197 -5.29 2.14 -14.26
CA GLN A 197 -4.38 1.28 -15.02
C GLN A 197 -5.15 0.49 -16.07
#